data_3DBC
#
_entry.id   3DBC
#
_cell.length_a   135.066
_cell.length_b   135.066
_cell.length_c   135.066
_cell.angle_alpha   90.00
_cell.angle_beta   90.00
_cell.angle_gamma   90.00
#
_symmetry.space_group_name_H-M   'I 2 3'
#
loop_
_entity.id
_entity.type
_entity.pdbx_description
1 polymer 'Polo-like kinase 1'
2 non-polymer 3-[3-(3-methyl-6-{[(1S)-1-phenylethyl]amino}-1H-pyrazolo[4,3-c]pyridin-1-yl)phenyl]propanamide
#
_entity_poly.entity_id   1
_entity_poly.type   'polypeptide(L)'
_entity_poly.pdbx_seq_one_letter_code
;GPLGSMSAAIAKPSAKPSAHVDPKSAPLKEIPDVLVDPRTMKRYMRGRFLGKGGFAKCYEITDMDTKEVFAGKVVPKSML
LKPHQKEKMSTEIAIHKSLDNPHVVGFHGFFEDDDFVYVVLEICRRRSLLELHKRRKAVTEPEARYFMRQTIQGVQYLHN
NRVIHRDLKLGNLFLNDDMDVKIGDFGLATKIEFDGERKKDLCGTPNYIAPEVLCKKGHSFEVDIWSLGCILYTLLVGKP
PFETSCLKETYIRIKKNEYSVPRHINPVASALIRRMLHADPTLRPSVAELLTDEFFTSGYAPMRLPTSCLTVPPRFS
;
_entity_poly.pdbx_strand_id   A
#
loop_
_chem_comp.id
_chem_comp.type
_chem_comp.name
_chem_comp.formula
2FR non-polymer 3-[3-(3-methyl-6-{[(1S)-1-phenylethyl]amino}-1H-pyrazolo[4,3-c]pyridin-1-yl)phenyl]propanamide 'C24 H25 N5 O'
#
# COMPACT_ATOMS: atom_id res chain seq x y z
N LYS A 29 19.44 1.00 21.67
CA LYS A 29 18.60 0.63 22.83
C LYS A 29 17.65 -0.51 22.46
N GLU A 30 17.64 -1.56 23.28
CA GLU A 30 16.86 -2.77 23.04
C GLU A 30 15.34 -2.53 23.04
N ILE A 31 14.64 -3.30 22.20
CA ILE A 31 13.18 -3.27 22.16
C ILE A 31 12.65 -4.37 23.07
N PRO A 32 11.84 -3.99 24.08
CA PRO A 32 11.30 -4.90 25.10
C PRO A 32 10.72 -6.20 24.54
N ASP A 33 10.99 -7.31 25.22
CA ASP A 33 10.50 -8.62 24.81
C ASP A 33 8.98 -8.74 24.94
N VAL A 34 8.42 -8.00 25.91
CA VAL A 34 6.96 -7.93 26.09
C VAL A 34 6.52 -6.47 26.04
N LEU A 35 5.48 -6.21 25.24
CA LEU A 35 4.98 -4.84 25.05
C LEU A 35 3.65 -4.63 25.75
N VAL A 36 3.57 -3.56 26.55
CA VAL A 36 2.38 -3.22 27.33
C VAL A 36 2.01 -1.74 27.24
N ASP A 37 0.72 -1.44 27.36
CA ASP A 37 0.22 -0.05 27.33
C ASP A 37 -0.62 0.32 28.56
N PRO A 38 -0.55 1.59 28.99
CA PRO A 38 -1.37 2.06 30.10
C PRO A 38 -2.88 1.94 29.86
N ARG A 39 -3.31 2.16 28.62
CA ARG A 39 -4.73 2.17 28.25
C ARG A 39 -5.40 0.80 28.39
N THR A 40 -5.23 -0.05 27.37
CA THR A 40 -5.87 -1.37 27.33
C THR A 40 -5.24 -2.37 28.31
N MET A 41 -4.01 -2.08 28.70
CA MET A 41 -3.21 -2.96 29.56
C MET A 41 -3.17 -4.41 29.08
N LYS A 42 -2.88 -4.55 27.78
CA LYS A 42 -2.71 -5.85 27.14
C LYS A 42 -1.23 -6.09 26.93
N ARG A 43 -0.80 -7.33 27.16
CA ARG A 43 0.61 -7.70 27.02
C ARG A 43 0.88 -8.40 25.68
N TYR A 44 1.73 -7.78 24.88
CA TYR A 44 2.12 -8.32 23.57
C TYR A 44 3.51 -8.91 23.62
N MET A 45 3.71 -10.04 22.93
CA MET A 45 5.00 -10.71 22.90
C MET A 45 5.69 -10.47 21.56
N ARG A 46 6.78 -9.71 21.58
CA ARG A 46 7.54 -9.39 20.38
C ARG A 46 8.18 -10.63 19.75
N GLY A 47 7.61 -11.05 18.62
CA GLY A 47 8.05 -12.26 17.92
C GLY A 47 8.97 -11.98 16.76
N ARG A 48 8.72 -12.64 15.62
CA ARG A 48 9.66 -12.60 14.50
C ARG A 48 9.75 -11.25 13.80
N PHE A 49 10.98 -10.84 13.52
CA PHE A 49 11.27 -9.64 12.75
C PHE A 49 10.61 -9.74 11.38
N LEU A 50 10.05 -8.64 10.91
CA LEU A 50 9.34 -8.66 9.62
C LEU A 50 9.95 -7.73 8.59
N GLY A 51 10.60 -6.66 9.05
CA GLY A 51 11.26 -5.72 8.16
C GLY A 51 11.57 -4.38 8.79
N LYS A 52 12.06 -3.44 7.97
CA LYS A 52 12.36 -2.09 8.44
C LYS A 52 12.08 -1.02 7.39
N GLY A 53 11.08 -0.18 7.68
CA GLY A 53 10.71 0.93 6.81
C GLY A 53 11.24 2.25 7.35
N GLY A 54 12.27 2.78 6.69
CA GLY A 54 12.94 3.99 7.14
C GLY A 54 13.63 3.78 8.47
N PHE A 55 13.08 4.40 9.52
CA PHE A 55 13.59 4.24 10.88
C PHE A 55 12.60 3.47 11.77
N ALA A 56 11.71 2.71 11.13
CA ALA A 56 10.71 1.92 11.84
C ALA A 56 10.84 0.43 11.57
N LYS A 57 11.24 -0.32 12.60
CA LYS A 57 11.28 -1.78 12.53
C LYS A 57 9.89 -2.33 12.83
N CYS A 58 9.63 -3.54 12.37
CA CYS A 58 8.31 -4.16 12.51
C CYS A 58 8.41 -5.63 12.87
N TYR A 59 7.68 -6.01 13.91
CA TYR A 59 7.70 -7.37 14.43
C TYR A 59 6.31 -7.98 14.47
N GLU A 60 6.22 -9.28 14.27
CA GLU A 60 4.99 -10.00 14.49
C GLU A 60 4.79 -10.12 15.99
N ILE A 61 3.82 -9.37 16.51
CA ILE A 61 3.52 -9.39 17.96
C ILE A 61 2.23 -10.17 18.25
N THR A 62 2.18 -10.77 19.44
CA THR A 62 1.10 -11.70 19.79
C THR A 62 0.50 -11.39 21.16
N ASP A 63 -0.83 -11.34 21.22
CA ASP A 63 -1.56 -11.08 22.46
C ASP A 63 -1.41 -12.26 23.41
N MET A 64 -0.75 -12.02 24.54
CA MET A 64 -0.42 -13.09 25.49
C MET A 64 -1.64 -13.73 26.14
N ASP A 65 -2.79 -13.05 26.08
CA ASP A 65 -4.03 -13.56 26.65
C ASP A 65 -4.95 -14.17 25.57
N THR A 66 -5.03 -13.53 24.40
CA THR A 66 -5.93 -13.99 23.33
C THR A 66 -5.23 -14.81 22.25
N LYS A 67 -3.93 -14.58 22.08
CA LYS A 67 -3.11 -15.23 21.05
C LYS A 67 -3.35 -14.68 19.63
N GLU A 68 -4.12 -13.60 19.53
CA GLU A 68 -4.35 -12.91 18.25
C GLU A 68 -3.08 -12.17 17.83
N VAL A 69 -2.69 -12.37 16.58
CA VAL A 69 -1.38 -11.92 16.09
C VAL A 69 -1.50 -10.61 15.32
N PHE A 70 -0.52 -9.74 15.50
CA PHE A 70 -0.54 -8.40 14.90
C PHE A 70 0.85 -7.97 14.47
N ALA A 71 0.91 -7.14 13.44
CA ALA A 71 2.15 -6.52 13.00
C ALA A 71 2.40 -5.21 13.77
N GLY A 72 3.44 -5.19 14.59
CA GLY A 72 3.73 -4.03 15.44
C GLY A 72 4.83 -3.15 14.90
N LYS A 73 4.48 -1.95 14.44
CA LYS A 73 5.46 -0.95 14.05
C LYS A 73 6.08 -0.33 15.30
N VAL A 74 7.39 -0.48 15.43
CA VAL A 74 8.10 0.03 16.60
C VAL A 74 9.00 1.19 16.19
N VAL A 75 8.57 2.41 16.52
CA VAL A 75 9.38 3.59 16.22
C VAL A 75 10.02 4.17 17.49
N PRO A 76 11.37 4.26 17.50
CA PRO A 76 12.08 4.78 18.67
C PRO A 76 11.92 6.29 18.80
N LYS A 77 11.77 6.76 20.04
CA LYS A 77 11.53 8.18 20.32
C LYS A 77 12.70 9.09 19.94
N SER A 78 13.88 8.49 19.77
CA SER A 78 15.08 9.23 19.37
C SER A 78 14.94 9.80 17.96
N MET A 79 13.96 9.30 17.21
CA MET A 79 13.64 9.83 15.89
C MET A 79 12.57 10.92 15.99
N LEU A 80 11.81 10.90 17.08
CA LEU A 80 10.72 11.86 17.30
C LEU A 80 11.04 12.88 18.40
N LEU A 81 12.33 13.13 18.63
CA LEU A 81 12.76 14.15 19.58
C LEU A 81 12.35 15.53 19.08
N LYS A 82 12.43 15.72 17.76
CA LYS A 82 11.92 16.93 17.13
C LYS A 82 10.39 16.87 17.06
N PRO A 83 9.71 17.92 17.59
CA PRO A 83 8.24 18.02 17.54
C PRO A 83 7.67 18.15 16.11
N HIS A 84 8.55 18.38 15.13
CA HIS A 84 8.17 18.41 13.73
C HIS A 84 7.86 17.01 13.18
N GLN A 85 8.80 16.09 13.35
CA GLN A 85 8.62 14.69 12.95
C GLN A 85 7.62 14.00 13.85
N LYS A 86 7.53 14.46 15.09
CA LYS A 86 6.58 13.94 16.08
C LYS A 86 5.13 14.29 15.76
N GLU A 87 4.94 15.24 14.84
CA GLU A 87 3.61 15.59 14.35
C GLU A 87 3.22 14.68 13.18
N LYS A 88 4.15 14.47 12.25
CA LYS A 88 3.90 13.68 11.04
C LYS A 88 3.41 12.28 11.36
N MET A 89 3.99 11.65 12.37
CA MET A 89 3.54 10.32 12.78
C MET A 89 2.22 10.37 13.55
N SER A 90 2.01 11.44 14.33
CA SER A 90 0.75 11.59 15.06
C SER A 90 -0.42 11.89 14.12
N THR A 91 -0.11 12.30 12.89
CA THR A 91 -1.11 12.48 11.82
C THR A 91 -1.41 11.14 11.14
N GLU A 92 -0.35 10.37 10.87
CA GLU A 92 -0.47 9.02 10.30
C GLU A 92 -1.34 8.13 11.18
N ILE A 93 -1.09 8.18 12.50
CA ILE A 93 -1.90 7.43 13.47
C ILE A 93 -3.32 7.97 13.48
N ALA A 94 -3.45 9.30 13.59
CA ALA A 94 -4.75 9.96 13.59
C ALA A 94 -5.68 9.45 12.49
N ILE A 95 -5.16 9.45 11.26
CA ILE A 95 -5.91 9.04 10.08
C ILE A 95 -6.18 7.53 10.08
N HIS A 96 -5.12 6.73 10.08
CA HIS A 96 -5.24 5.27 10.00
C HIS A 96 -6.25 4.75 11.03
N LYS A 97 -6.22 5.33 12.23
CA LYS A 97 -7.12 4.93 13.32
C LYS A 97 -8.59 4.98 12.92
N SER A 98 -8.96 6.05 12.20
CA SER A 98 -10.35 6.33 11.85
C SER A 98 -10.90 5.37 10.79
N LEU A 99 -9.99 4.71 10.07
CA LEU A 99 -10.34 3.86 8.94
C LEU A 99 -10.85 2.47 9.35
N ASP A 100 -11.75 1.93 8.53
CA ASP A 100 -12.26 0.58 8.70
C ASP A 100 -12.81 0.06 7.36
N ASN A 101 -12.02 -0.79 6.71
CA ASN A 101 -12.36 -1.31 5.38
C ASN A 101 -11.48 -2.50 5.01
N PRO A 102 -12.09 -3.57 4.46
CA PRO A 102 -11.36 -4.81 4.12
C PRO A 102 -10.26 -4.67 3.04
N HIS A 103 -9.81 -3.45 2.75
CA HIS A 103 -8.75 -3.24 1.75
C HIS A 103 -7.79 -2.15 2.20
N VAL A 104 -7.92 -1.79 3.48
CA VAL A 104 -6.96 -0.96 4.17
C VAL A 104 -6.47 -1.82 5.34
N VAL A 105 -5.19 -1.67 5.68
CA VAL A 105 -4.64 -2.36 6.84
C VAL A 105 -5.47 -2.02 8.08
N GLY A 106 -5.96 -3.05 8.76
CA GLY A 106 -6.71 -2.86 10.00
C GLY A 106 -5.88 -2.12 11.04
N PHE A 107 -6.51 -1.18 11.75
CA PHE A 107 -5.87 -0.48 12.84
C PHE A 107 -6.44 -0.95 14.17
N HIS A 108 -5.55 -1.25 15.11
CA HIS A 108 -5.96 -1.76 16.42
C HIS A 108 -5.23 -1.06 17.56
N GLY A 109 -5.22 0.27 17.50
CA GLY A 109 -4.72 1.10 18.58
C GLY A 109 -3.21 1.19 18.64
N PHE A 110 -2.71 2.40 18.86
CA PHE A 110 -1.29 2.63 19.09
C PHE A 110 -1.05 2.83 20.59
N PHE A 111 0.22 2.87 20.98
CA PHE A 111 0.62 3.19 22.35
C PHE A 111 2.12 3.40 22.46
N GLU A 112 2.53 4.20 23.45
CA GLU A 112 3.94 4.54 23.64
C GLU A 112 4.40 4.25 25.06
N ASP A 113 5.70 3.95 25.21
CA ASP A 113 6.34 3.97 26.51
C ASP A 113 7.47 5.00 26.49
N ASP A 114 8.36 4.95 27.49
CA ASP A 114 9.42 5.96 27.63
C ASP A 114 10.41 6.02 26.47
N ASP A 115 10.48 4.97 25.66
CA ASP A 115 11.50 4.86 24.60
C ASP A 115 10.99 4.67 23.17
N PHE A 116 9.87 3.96 23.00
CA PHE A 116 9.35 3.64 21.68
C PHE A 116 7.84 3.91 21.51
N VAL A 117 7.46 4.30 20.30
CA VAL A 117 6.05 4.36 19.91
C VAL A 117 5.70 3.07 19.20
N TYR A 118 4.62 2.44 19.63
CA TYR A 118 4.20 1.15 19.09
C TYR A 118 2.85 1.25 18.39
N VAL A 119 2.83 1.00 17.08
CA VAL A 119 1.59 0.98 16.32
C VAL A 119 1.22 -0.47 16.00
N VAL A 120 0.03 -0.87 16.46
CA VAL A 120 -0.46 -2.23 16.27
C VAL A 120 -1.39 -2.30 15.06
N LEU A 121 -1.08 -3.19 14.13
CA LEU A 121 -1.75 -3.26 12.83
C LEU A 121 -2.13 -4.70 12.43
N GLU A 122 -2.85 -4.81 11.32
CA GLU A 122 -3.31 -6.08 10.78
C GLU A 122 -2.15 -6.84 10.15
N ILE A 123 -2.10 -8.14 10.38
CA ILE A 123 -0.98 -8.96 9.91
C ILE A 123 -1.16 -9.42 8.45
N CYS A 124 -0.14 -9.14 7.62
CA CYS A 124 -0.14 -9.53 6.21
C CYS A 124 1.08 -10.39 5.91
N ARG A 125 0.92 -11.70 6.06
CA ARG A 125 2.04 -12.65 6.01
C ARG A 125 2.44 -13.06 4.59
N ARG A 126 1.98 -12.31 3.60
CA ARG A 126 2.33 -12.57 2.21
C ARG A 126 3.10 -11.42 1.56
N ARG A 127 3.61 -10.52 2.40
CA ARG A 127 4.34 -9.32 1.96
C ARG A 127 3.54 -8.45 0.99
N SER A 128 4.24 -7.60 0.24
CA SER A 128 3.58 -6.60 -0.61
C SER A 128 3.64 -6.96 -2.08
N LEU A 129 2.74 -6.34 -2.85
CA LEU A 129 2.62 -6.58 -4.28
C LEU A 129 3.91 -6.30 -5.02
N LEU A 130 4.83 -5.59 -4.34
CA LEU A 130 6.17 -5.36 -4.86
C LEU A 130 6.93 -6.67 -4.91
N GLU A 131 6.97 -7.37 -3.77
CA GLU A 131 7.60 -8.70 -3.71
C GLU A 131 7.07 -9.57 -4.81
N LEU A 132 5.74 -9.59 -4.98
CA LEU A 132 5.12 -10.36 -6.05
C LEU A 132 5.63 -9.91 -7.41
N HIS A 133 5.69 -8.60 -7.64
CA HIS A 133 6.20 -8.08 -8.91
C HIS A 133 7.65 -8.50 -9.17
N LYS A 134 8.55 -8.19 -8.24
CA LYS A 134 9.97 -8.52 -8.36
C LYS A 134 10.20 -9.98 -8.77
N ARG A 135 9.44 -10.88 -8.15
CA ARG A 135 9.56 -12.32 -8.35
C ARG A 135 8.87 -12.79 -9.63
N ARG A 136 7.83 -12.06 -10.05
CA ARG A 136 7.00 -12.48 -11.18
C ARG A 136 7.29 -11.72 -12.46
N LYS A 137 7.83 -10.52 -12.31
CA LYS A 137 7.79 -9.51 -13.36
C LYS A 137 6.35 -9.37 -13.89
N ALA A 138 6.19 -9.26 -15.21
CA ALA A 138 4.87 -9.03 -15.80
C ALA A 138 3.89 -10.15 -15.46
N VAL A 139 2.87 -9.82 -14.67
CA VAL A 139 1.78 -10.76 -14.37
C VAL A 139 0.77 -10.82 -15.51
N THR A 140 -0.02 -11.89 -15.54
CA THR A 140 -1.11 -12.02 -16.49
C THR A 140 -2.19 -10.98 -16.20
N GLU A 141 -2.99 -10.68 -17.21
CA GLU A 141 -4.00 -9.63 -17.15
C GLU A 141 -5.02 -9.86 -16.03
N PRO A 142 -5.67 -11.04 -15.99
CA PRO A 142 -6.66 -11.31 -14.95
C PRO A 142 -6.13 -11.01 -13.55
N GLU A 143 -4.86 -11.33 -13.31
CA GLU A 143 -4.22 -11.05 -12.03
C GLU A 143 -4.18 -9.54 -11.75
N ALA A 144 -3.83 -8.76 -12.76
CA ALA A 144 -3.85 -7.31 -12.64
C ALA A 144 -5.28 -6.81 -12.45
N ARG A 145 -6.22 -7.37 -13.22
CA ARG A 145 -7.65 -7.10 -13.02
C ARG A 145 -8.09 -7.31 -11.57
N TYR A 146 -7.67 -8.45 -10.99
CA TYR A 146 -8.01 -8.78 -9.61
C TYR A 146 -7.34 -7.83 -8.61
N PHE A 147 -6.04 -7.60 -8.78
CA PHE A 147 -5.29 -6.73 -7.87
C PHE A 147 -5.79 -5.29 -7.94
N MET A 148 -5.93 -4.78 -9.16
CA MET A 148 -6.38 -3.41 -9.35
C MET A 148 -7.75 -3.19 -8.71
N ARG A 149 -8.71 -4.05 -9.05
CA ARG A 149 -10.07 -3.95 -8.50
C ARG A 149 -10.01 -3.76 -7.00
N GLN A 150 -9.49 -4.77 -6.31
CA GLN A 150 -9.36 -4.78 -4.86
C GLN A 150 -8.62 -3.55 -4.33
N THR A 151 -7.58 -3.14 -5.06
CA THR A 151 -6.77 -1.98 -4.68
C THR A 151 -7.57 -0.70 -4.79
N ILE A 152 -8.32 -0.59 -5.87
CA ILE A 152 -9.14 0.59 -6.18
C ILE A 152 -10.28 0.74 -5.18
N GLN A 153 -10.92 -0.38 -4.86
CA GLN A 153 -11.99 -0.40 -3.88
C GLN A 153 -11.52 0.18 -2.54
N GLY A 154 -10.27 -0.08 -2.20
CA GLY A 154 -9.65 0.54 -1.04
C GLY A 154 -9.50 2.03 -1.26
N VAL A 155 -8.98 2.40 -2.42
CA VAL A 155 -8.74 3.79 -2.79
C VAL A 155 -10.03 4.61 -2.79
N GLN A 156 -11.14 3.98 -3.18
CA GLN A 156 -12.45 4.62 -3.07
C GLN A 156 -12.80 4.91 -1.63
N TYR A 157 -12.83 3.87 -0.79
CA TYR A 157 -13.12 4.06 0.63
C TYR A 157 -12.39 5.29 1.15
N LEU A 158 -11.09 5.37 0.84
CA LEU A 158 -10.26 6.49 1.27
C LEU A 158 -10.79 7.82 0.77
N HIS A 159 -10.96 7.92 -0.55
CA HIS A 159 -11.45 9.13 -1.19
C HIS A 159 -12.87 9.51 -0.78
N ASN A 160 -13.72 8.50 -0.57
CA ASN A 160 -15.07 8.68 -0.02
C ASN A 160 -15.01 9.26 1.38
N ASN A 161 -14.08 8.76 2.19
CA ASN A 161 -13.86 9.29 3.53
C ASN A 161 -12.88 10.46 3.54
N ARG A 162 -12.71 11.09 2.40
CA ARG A 162 -11.87 12.28 2.26
C ARG A 162 -10.43 12.08 2.75
N VAL A 163 -9.87 10.91 2.44
CA VAL A 163 -8.47 10.59 2.72
C VAL A 163 -7.71 10.43 1.42
N ILE A 164 -6.55 11.08 1.32
CA ILE A 164 -5.65 10.88 0.19
C ILE A 164 -4.40 10.15 0.68
N HIS A 165 -3.89 9.21 -0.11
CA HIS A 165 -2.71 8.44 0.27
C HIS A 165 -1.42 9.18 -0.12
N ARG A 166 -1.40 9.73 -1.33
CA ARG A 166 -0.28 10.53 -1.85
C ARG A 166 0.99 9.73 -2.11
N ASP A 167 1.12 8.60 -1.42
CA ASP A 167 2.28 7.71 -1.53
C ASP A 167 1.82 6.28 -1.73
N LEU A 168 1.27 5.97 -2.92
CA LEU A 168 0.84 4.62 -3.25
C LEU A 168 1.87 3.91 -4.12
N LYS A 169 2.49 2.89 -3.55
CA LYS A 169 3.45 2.06 -4.29
C LYS A 169 3.18 0.58 -3.99
N LEU A 170 3.60 -0.30 -4.88
CA LEU A 170 3.39 -1.73 -4.74
C LEU A 170 3.76 -2.26 -3.34
N GLY A 171 4.68 -1.57 -2.67
CA GLY A 171 5.05 -1.88 -1.29
C GLY A 171 3.95 -1.57 -0.29
N ASN A 172 3.09 -0.61 -0.62
CA ASN A 172 1.94 -0.24 0.22
C ASN A 172 0.74 -1.14 0.01
N LEU A 173 0.83 -2.03 -0.99
CA LEU A 173 -0.24 -2.96 -1.29
C LEU A 173 0.07 -4.35 -0.74
N PHE A 174 -0.18 -4.52 0.57
CA PHE A 174 0.14 -5.75 1.30
C PHE A 174 -0.81 -6.90 0.96
N LEU A 175 -0.38 -8.13 1.25
CA LEU A 175 -1.18 -9.32 0.94
C LEU A 175 -1.26 -10.25 2.14
N ASN A 176 -2.48 -10.64 2.50
CA ASN A 176 -2.68 -11.61 3.54
C ASN A 176 -2.68 -13.03 2.95
N ASP A 177 -2.78 -14.03 3.82
CA ASP A 177 -2.72 -15.43 3.40
C ASP A 177 -3.92 -15.84 2.52
N ASP A 178 -4.85 -14.90 2.33
CA ASP A 178 -5.99 -15.08 1.43
C ASP A 178 -5.77 -14.34 0.11
N MET A 179 -4.60 -13.73 -0.05
CA MET A 179 -4.23 -12.95 -1.24
C MET A 179 -5.07 -11.68 -1.47
N ASP A 180 -5.74 -11.20 -0.43
CA ASP A 180 -6.45 -9.92 -0.49
C ASP A 180 -5.48 -8.75 -0.36
N VAL A 181 -5.58 -7.82 -1.30
CA VAL A 181 -4.78 -6.60 -1.26
C VAL A 181 -5.29 -5.70 -0.13
N LYS A 182 -4.39 -5.23 0.72
CA LYS A 182 -4.74 -4.32 1.80
C LYS A 182 -3.75 -3.14 1.86
N ILE A 183 -4.28 -1.94 1.68
CA ILE A 183 -3.48 -0.71 1.62
C ILE A 183 -2.94 -0.31 2.98
N GLY A 184 -1.65 0.02 3.03
CA GLY A 184 -1.00 0.45 4.28
C GLY A 184 -0.09 1.65 4.10
N ASP A 185 0.70 1.93 5.14
CA ASP A 185 1.69 3.02 5.15
C ASP A 185 1.08 4.37 4.78
N PHE A 186 0.32 4.93 5.72
CA PHE A 186 -0.35 6.22 5.54
C PHE A 186 0.52 7.41 5.97
N GLY A 187 1.84 7.22 5.90
CA GLY A 187 2.81 8.22 6.36
C GLY A 187 2.79 9.53 5.60
N LEU A 188 2.11 9.54 4.45
CA LEU A 188 1.95 10.76 3.67
C LEU A 188 0.48 10.96 3.32
N ALA A 189 -0.39 10.36 4.11
CA ALA A 189 -1.84 10.51 3.94
C ALA A 189 -2.33 11.80 4.62
N THR A 190 -3.34 12.41 4.01
CA THR A 190 -3.89 13.68 4.49
C THR A 190 -5.42 13.72 4.35
N LYS A 191 -6.09 14.26 5.35
CA LYS A 191 -7.54 14.42 5.33
C LYS A 191 -7.89 15.84 4.87
N ILE A 192 -9.06 16.01 4.26
CA ILE A 192 -9.49 17.34 3.82
C ILE A 192 -10.68 17.90 4.61
N HIS A 219 -2.60 20.02 -5.85
CA HIS A 219 -2.91 18.60 -6.01
C HIS A 219 -3.97 18.14 -5.02
N SER A 220 -4.79 17.16 -5.43
CA SER A 220 -5.84 16.63 -4.56
C SER A 220 -5.98 15.10 -4.65
N PHE A 221 -7.10 14.63 -5.20
CA PHE A 221 -7.33 13.19 -5.35
C PHE A 221 -6.60 12.58 -6.53
N GLU A 222 -6.33 13.41 -7.53
CA GLU A 222 -5.73 12.96 -8.80
C GLU A 222 -4.31 12.38 -8.68
N VAL A 223 -3.62 12.64 -7.57
CA VAL A 223 -2.31 12.05 -7.33
C VAL A 223 -2.40 10.55 -7.11
N ASP A 224 -3.49 10.10 -6.48
CA ASP A 224 -3.72 8.69 -6.24
C ASP A 224 -4.05 7.95 -7.53
N ILE A 225 -4.87 8.56 -8.38
CA ILE A 225 -5.19 7.99 -9.68
C ILE A 225 -3.94 7.89 -10.55
N TRP A 226 -2.95 8.75 -10.27
CA TRP A 226 -1.65 8.70 -10.92
C TRP A 226 -0.86 7.49 -10.42
N SER A 227 -0.80 7.32 -9.11
CA SER A 227 -0.05 6.23 -8.51
C SER A 227 -0.58 4.87 -8.98
N LEU A 228 -1.90 4.77 -9.11
CA LEU A 228 -2.54 3.53 -9.52
C LEU A 228 -2.26 3.21 -10.99
N GLY A 229 -2.07 4.25 -11.79
CA GLY A 229 -1.67 4.11 -13.18
C GLY A 229 -0.31 3.45 -13.30
N CYS A 230 0.66 3.96 -12.55
CA CYS A 230 2.00 3.37 -12.48
C CYS A 230 1.89 1.90 -12.10
N ILE A 231 1.13 1.63 -11.05
CA ILE A 231 0.92 0.26 -10.58
C ILE A 231 0.37 -0.65 -11.70
N LEU A 232 -0.75 -0.25 -12.31
CA LEU A 232 -1.36 -1.03 -13.39
C LEU A 232 -0.40 -1.20 -14.56
N TYR A 233 0.45 -0.20 -14.78
CA TYR A 233 1.51 -0.28 -15.76
C TYR A 233 2.48 -1.39 -15.33
N THR A 234 3.08 -1.20 -14.16
CA THR A 234 4.12 -2.09 -13.64
C THR A 234 3.67 -3.55 -13.61
N LEU A 235 2.42 -3.76 -13.21
CA LEU A 235 1.90 -5.11 -13.14
C LEU A 235 1.81 -5.74 -14.52
N LEU A 236 1.24 -5.00 -15.48
CA LEU A 236 1.01 -5.50 -16.82
C LEU A 236 2.28 -5.51 -17.68
N VAL A 237 3.12 -4.49 -17.50
CA VAL A 237 4.31 -4.30 -18.33
C VAL A 237 5.51 -5.03 -17.73
N GLY A 238 5.56 -5.10 -16.40
CA GLY A 238 6.66 -5.77 -15.71
C GLY A 238 7.77 -4.83 -15.30
N LYS A 239 7.72 -3.59 -15.78
CA LYS A 239 8.68 -2.56 -15.35
C LYS A 239 7.94 -1.26 -15.04
N PRO A 240 8.47 -0.46 -14.08
CA PRO A 240 7.83 0.82 -13.77
C PRO A 240 7.99 1.78 -14.94
N PRO A 241 6.94 2.60 -15.21
CA PRO A 241 6.92 3.48 -16.37
C PRO A 241 7.97 4.60 -16.35
N PHE A 242 8.40 5.02 -15.16
CA PHE A 242 9.34 6.12 -15.04
C PHE A 242 10.65 5.74 -14.34
N GLU A 243 10.86 4.44 -14.16
CA GLU A 243 12.05 3.90 -13.51
C GLU A 243 13.33 4.15 -14.31
N THR A 244 14.32 4.70 -13.61
CA THR A 244 15.69 4.81 -14.10
C THR A 244 16.60 4.75 -12.89
N SER A 245 17.89 4.49 -13.12
CA SER A 245 18.87 4.45 -12.04
C SER A 245 19.08 5.84 -11.42
N CYS A 246 19.11 6.86 -12.29
CA CYS A 246 19.32 8.24 -11.85
C CYS A 246 18.01 8.82 -11.30
N LEU A 247 18.07 9.29 -10.05
CA LEU A 247 16.91 9.83 -9.36
C LEU A 247 16.41 11.14 -9.96
N LYS A 248 17.35 12.00 -10.36
CA LYS A 248 17.01 13.25 -11.05
C LYS A 248 16.28 12.96 -12.36
N GLU A 249 16.71 11.92 -13.07
CA GLU A 249 16.14 11.52 -14.36
C GLU A 249 14.66 11.11 -14.24
N THR A 250 14.36 10.35 -13.20
CA THR A 250 12.98 9.93 -12.91
C THR A 250 12.05 11.13 -12.75
N TYR A 251 12.49 12.11 -11.94
CA TYR A 251 11.73 13.33 -11.69
C TYR A 251 11.52 14.18 -12.94
N ILE A 252 12.45 14.09 -13.89
CA ILE A 252 12.32 14.79 -15.17
C ILE A 252 11.32 14.06 -16.06
N ARG A 253 11.49 12.75 -16.17
CA ARG A 253 10.57 11.88 -16.92
C ARG A 253 9.12 12.08 -16.48
N ILE A 254 8.92 12.22 -15.18
CA ILE A 254 7.59 12.46 -14.61
C ILE A 254 7.07 13.84 -15.04
N LYS A 255 7.87 14.88 -14.80
CA LYS A 255 7.51 16.25 -15.15
C LYS A 255 7.12 16.41 -16.61
N LYS A 256 8.04 16.03 -17.51
CA LYS A 256 7.80 16.14 -18.95
C LYS A 256 6.80 15.08 -19.45
N ASN A 257 6.28 14.27 -18.52
CA ASN A 257 5.32 13.19 -18.81
C ASN A 257 5.86 12.22 -19.87
N GLU A 258 7.06 11.72 -19.64
CA GLU A 258 7.74 10.85 -20.59
C GLU A 258 7.60 9.36 -20.24
N TYR A 259 6.71 8.69 -20.96
CA TYR A 259 6.53 7.25 -20.83
C TYR A 259 6.04 6.68 -22.16
N SER A 260 6.38 5.42 -22.42
CA SER A 260 5.91 4.74 -23.61
C SER A 260 5.42 3.34 -23.29
N VAL A 261 4.11 3.14 -23.42
CA VAL A 261 3.50 1.83 -23.23
C VAL A 261 3.87 0.96 -24.43
N PRO A 262 4.46 -0.23 -24.17
CA PRO A 262 4.78 -1.17 -25.24
C PRO A 262 3.54 -1.60 -26.03
N ARG A 263 3.75 -1.98 -27.29
CA ARG A 263 2.66 -2.38 -28.18
C ARG A 263 2.09 -3.77 -27.85
N HIS A 264 2.81 -4.50 -26.99
CA HIS A 264 2.44 -5.85 -26.58
C HIS A 264 1.27 -5.85 -25.60
N ILE A 265 1.05 -4.71 -24.97
CA ILE A 265 -0.01 -4.53 -23.98
C ILE A 265 -1.35 -4.33 -24.69
N ASN A 266 -2.40 -4.93 -24.13
CA ASN A 266 -3.76 -4.83 -24.65
C ASN A 266 -4.18 -3.37 -24.87
N PRO A 267 -4.75 -3.06 -26.05
CA PRO A 267 -5.19 -1.71 -26.37
C PRO A 267 -6.06 -1.12 -25.27
N VAL A 268 -7.08 -1.88 -24.85
CA VAL A 268 -8.04 -1.48 -23.81
C VAL A 268 -7.33 -1.22 -22.48
N ALA A 269 -6.31 -2.02 -22.21
CA ALA A 269 -5.47 -1.82 -21.03
C ALA A 269 -4.69 -0.51 -21.16
N SER A 270 -3.85 -0.41 -22.18
CA SER A 270 -3.05 0.80 -22.41
C SER A 270 -3.92 2.06 -22.44
N ALA A 271 -5.07 1.97 -23.12
CA ALA A 271 -6.03 3.07 -23.20
C ALA A 271 -6.31 3.67 -21.83
N LEU A 272 -6.70 2.81 -20.90
CA LEU A 272 -6.96 3.20 -19.52
C LEU A 272 -5.69 3.69 -18.84
N ILE A 273 -4.57 3.01 -19.10
CA ILE A 273 -3.31 3.38 -18.47
C ILE A 273 -2.90 4.79 -18.88
N ARG A 274 -3.14 5.13 -20.14
CA ARG A 274 -2.90 6.49 -20.63
C ARG A 274 -3.74 7.53 -19.88
N ARG A 275 -5.03 7.21 -19.67
CA ARG A 275 -5.96 8.11 -18.99
C ARG A 275 -5.59 8.33 -17.52
N MET A 276 -5.11 7.27 -16.88
CA MET A 276 -4.78 7.35 -15.46
C MET A 276 -3.52 8.15 -15.20
N LEU A 277 -2.65 8.21 -16.21
CA LEU A 277 -1.38 8.92 -16.11
C LEU A 277 -1.41 10.23 -16.87
N HIS A 278 -2.57 10.56 -17.42
CA HIS A 278 -2.74 11.78 -18.21
C HIS A 278 -2.21 13.02 -17.51
N ALA A 279 -1.59 13.89 -18.31
CA ALA A 279 -0.89 15.07 -17.80
C ALA A 279 -1.80 16.03 -17.03
N ASP A 280 -2.95 16.34 -17.62
CA ASP A 280 -3.95 17.20 -16.98
C ASP A 280 -4.69 16.41 -15.90
N PRO A 281 -4.37 16.66 -14.62
CA PRO A 281 -4.93 15.91 -13.50
C PRO A 281 -6.45 15.82 -13.53
N THR A 282 -7.08 16.80 -14.18
CA THR A 282 -8.54 16.89 -14.20
C THR A 282 -9.14 16.06 -15.33
N LEU A 283 -8.30 15.58 -16.25
CA LEU A 283 -8.72 14.67 -17.30
C LEU A 283 -8.50 13.21 -16.92
N ARG A 284 -7.88 13.01 -15.75
CA ARG A 284 -7.72 11.67 -15.19
C ARG A 284 -9.07 11.18 -14.69
N PRO A 285 -9.34 9.86 -14.78
CA PRO A 285 -10.63 9.34 -14.33
C PRO A 285 -10.78 9.43 -12.79
N SER A 286 -12.02 9.29 -12.33
CA SER A 286 -12.30 9.25 -10.90
C SER A 286 -12.24 7.80 -10.44
N VAL A 287 -12.14 7.61 -9.12
CA VAL A 287 -12.09 6.26 -8.56
C VAL A 287 -13.26 5.44 -9.06
N ALA A 288 -14.46 6.00 -8.95
CA ALA A 288 -15.69 5.30 -9.34
C ALA A 288 -15.70 4.95 -10.83
N GLU A 289 -15.01 5.77 -11.63
CA GLU A 289 -14.96 5.56 -13.07
C GLU A 289 -14.02 4.42 -13.46
N LEU A 290 -13.15 4.01 -12.54
CA LEU A 290 -12.19 2.95 -12.80
C LEU A 290 -12.85 1.57 -12.89
N LEU A 291 -13.55 1.19 -11.82
CA LEU A 291 -14.22 -0.12 -11.73
C LEU A 291 -15.01 -0.45 -12.99
N THR A 292 -15.66 0.57 -13.53
CA THR A 292 -16.57 0.42 -14.66
C THR A 292 -15.86 0.33 -16.01
N ASP A 293 -14.56 0.63 -16.03
CA ASP A 293 -13.82 0.66 -17.29
C ASP A 293 -13.79 -0.69 -17.99
N GLU A 294 -13.79 -0.64 -19.32
CA GLU A 294 -13.76 -1.82 -20.19
C GLU A 294 -12.75 -2.87 -19.73
N PHE A 295 -11.60 -2.42 -19.23
CA PHE A 295 -10.51 -3.30 -18.75
C PHE A 295 -10.95 -4.30 -17.69
N PHE A 296 -11.86 -3.87 -16.82
CA PHE A 296 -12.34 -4.72 -15.75
C PHE A 296 -13.56 -5.55 -16.19
N THR A 297 -14.25 -5.10 -17.23
CA THR A 297 -15.53 -5.70 -17.62
C THR A 297 -15.48 -6.55 -18.89
N SER A 298 -14.46 -6.34 -19.72
CA SER A 298 -14.38 -7.03 -21.01
C SER A 298 -13.81 -8.44 -20.83
N GLY A 299 -12.68 -8.53 -20.13
CA GLY A 299 -11.99 -9.80 -19.95
C GLY A 299 -12.31 -10.49 -18.65
N TYR A 300 -11.78 -11.71 -18.51
CA TYR A 300 -11.99 -12.55 -17.34
C TYR A 300 -11.38 -11.93 -16.09
N ALA A 301 -12.16 -11.88 -15.01
CA ALA A 301 -11.69 -11.32 -13.75
C ALA A 301 -11.94 -12.32 -12.62
N PRO A 302 -10.86 -12.88 -12.06
CA PRO A 302 -11.00 -13.85 -10.99
C PRO A 302 -11.37 -13.20 -9.66
N MET A 303 -12.15 -13.91 -8.84
CA MET A 303 -12.55 -13.41 -7.53
C MET A 303 -11.59 -13.83 -6.43
N ARG A 304 -10.96 -15.00 -6.60
CA ARG A 304 -9.92 -15.48 -5.71
C ARG A 304 -8.62 -15.72 -6.47
N LEU A 305 -7.49 -15.56 -5.79
CA LEU A 305 -6.21 -15.94 -6.36
C LEU A 305 -5.50 -16.95 -5.48
N PRO A 306 -4.86 -17.96 -6.12
CA PRO A 306 -4.04 -18.90 -5.39
C PRO A 306 -2.78 -18.25 -4.88
N THR A 307 -2.17 -18.85 -3.88
CA THR A 307 -0.91 -18.35 -3.31
C THR A 307 0.23 -18.54 -4.30
N SER A 308 0.07 -19.51 -5.22
CA SER A 308 1.04 -19.79 -6.28
C SER A 308 1.48 -18.53 -7.05
N CYS A 309 0.57 -17.57 -7.15
CA CYS A 309 0.79 -16.32 -7.87
C CYS A 309 1.97 -15.50 -7.35
N LEU A 310 2.43 -15.84 -6.16
CA LEU A 310 3.59 -15.16 -5.59
C LEU A 310 4.87 -15.45 -6.38
N THR A 311 4.91 -16.61 -7.04
CA THR A 311 6.12 -17.09 -7.71
C THR A 311 5.91 -17.45 -9.18
N VAL A 312 4.76 -18.04 -9.51
CA VAL A 312 4.43 -18.42 -10.88
C VAL A 312 3.02 -17.98 -11.29
N PRO A 313 2.75 -17.87 -12.62
CA PRO A 313 1.39 -17.59 -13.09
C PRO A 313 0.38 -18.70 -12.79
N PRO A 314 -0.90 -18.33 -12.57
CA PRO A 314 -1.97 -19.28 -12.28
C PRO A 314 -2.56 -19.91 -13.53
N ARG A 315 -3.28 -21.02 -13.36
CA ARG A 315 -3.89 -21.73 -14.48
C ARG A 315 -5.39 -21.96 -14.27
C30 2FR B . 5.31 -7.27 4.48
C28 2FR B . 7.24 -6.26 3.44
C27 2FR B . 8.07 -6.89 4.37
C26 2FR B . 7.51 -7.70 5.35
C24 2FR B . 5.63 -10.24 6.06
C23 2FR B . 5.58 -8.78 6.50
N21 2FR B . 6.84 -2.09 2.55
C16 2FR B . 7.81 -3.03 6.16
C17 2FR B . 6.49 -3.45 6.33
C20 2FR B . 7.44 -1.44 3.54
C15 2FR B . 8.46 -2.34 7.19
C12 2FR B . 5.76 -3.23 7.50
C13 2FR B . 6.45 -2.53 8.49
C14 2FR B . 7.76 -2.09 8.36
C11 2FR B . 0.96 -3.04 8.50
C10 2FR B . 2.37 -3.38 8.16
C4 2FR B . 4.01 -4.87 7.55
C5 2FR B . 2.66 -4.80 7.84
C6 2FR B . 1.84 -5.93 7.80
C3 2FR B . 4.55 -6.11 7.22
C2 2FR B . 3.71 -7.23 7.18
O22 2FR B . 6.97 -0.43 4.03
C19 2FR B . 8.75 -2.01 4.05
C18 2FR B . 8.56 -3.29 4.87
N8 2FR B . 4.48 -3.61 7.69
N9 2FR B . 3.51 -2.66 8.06
N1 2FR B . 2.38 -7.12 7.47
N7 2FR B . 4.18 -8.46 6.85
C25 2FR B . 6.13 -7.91 5.42
C29 2FR B . 5.86 -6.45 3.50
#